data_4RS3
#
_entry.id   4RS3
#
_cell.length_a   62.841
_cell.length_b   63.070
_cell.length_c   73.134
_cell.angle_alpha   90.00
_cell.angle_beta   90.00
_cell.angle_gamma   90.00
#
_symmetry.space_group_name_H-M   'P 21 21 21'
#
loop_
_entity.id
_entity.type
_entity.pdbx_description
1 polymer 'ABC transporter, carbohydrate uptake transporter-2 (CUT2) family, periplasmic sugar-binding protein'
2 non-polymer Xylitol
3 non-polymer 'ZINC ION'
4 non-polymer IMIDAZOLE
5 non-polymer 'CHLORIDE ION'
6 non-polymer 'ACETATE ION'
7 water water
#
_entity_poly.entity_id   1
_entity_poly.type   'polypeptide(L)'
_entity_poly.pdbx_seq_one_letter_code
;S(MSE)AGDTAANSDTKRIGVTVYD(MSE)SSFITEGKEG(MSE)DTYAKANNIELVWNSANNDVSTQASQVDSLINQGV
DAIIVVPVQADSLGPQVASAKSKGIPLLAVNAALETPDLAGNVQPDDVAAGAQE(MSE)Q(MSE)(MSE)ADRLGGKGNI
VILQGPLGGSGEINRGKGIDQVLAKYPDIKVLAKDTANWKRDEAVNK(MSE)KNWISSFGPQIDGVVAQNDD(MSE)GLG
ALQALKEAGRTGVPIVGIDGIEDGLNAVKSGDFIGTSLQNGTVELSAGLAVADALVKGEDVKTDPVYV(MSE)PAITKDN
VDVAIEHVVTERQKFLDGLVELTQQNLKTGDIAYEGIPGQTQP
;
_entity_poly.pdbx_strand_id   A
#
# COMPACT_ATOMS: atom_id res chain seq x y z
N THR A 12 8.34 5.39 -26.91
CA THR A 12 7.33 6.14 -27.68
C THR A 12 6.38 6.84 -26.71
N LYS A 13 5.87 6.15 -25.69
CA LYS A 13 4.76 6.66 -24.90
C LYS A 13 5.33 7.29 -23.64
N ARG A 14 4.77 8.41 -23.18
CA ARG A 14 5.20 8.99 -21.95
C ARG A 14 4.02 9.06 -21.01
N ILE A 15 4.26 8.53 -19.83
CA ILE A 15 3.28 8.35 -18.82
C ILE A 15 3.81 9.00 -17.58
N GLY A 16 2.99 9.92 -17.04
CA GLY A 16 3.32 10.55 -15.84
C GLY A 16 2.83 9.84 -14.60
N VAL A 17 3.60 9.92 -13.53
CA VAL A 17 3.27 9.30 -12.27
C VAL A 17 3.47 10.36 -11.20
N THR A 18 2.44 10.56 -10.37
CA THR A 18 2.55 11.40 -9.18
C THR A 18 2.08 10.58 -7.98
N VAL A 19 2.99 10.43 -7.02
CA VAL A 19 2.70 9.68 -5.82
C VAL A 19 2.70 10.57 -4.59
N TYR A 20 1.98 10.14 -3.57
CA TYR A 20 1.91 10.91 -2.33
C TYR A 20 3.29 11.19 -1.75
N ASP A 21 4.16 10.17 -1.75
CA ASP A 21 5.50 10.34 -1.16
C ASP A 21 6.30 9.06 -1.54
N SER A 23 7.43 6.55 0.01
CA SER A 23 7.35 5.65 1.11
C SER A 23 8.10 4.38 0.79
N SER A 24 8.26 3.49 1.79
CA SER A 24 8.99 2.23 1.53
C SER A 24 8.22 1.42 0.45
N PHE A 25 6.89 1.34 0.57
CA PHE A 25 6.08 0.61 -0.41
C PHE A 25 6.32 1.15 -1.80
N ILE A 26 6.18 2.50 -1.94
CA ILE A 26 6.35 3.11 -3.28
C ILE A 26 7.79 2.92 -3.81
N THR A 27 8.75 3.08 -2.93
CA THR A 27 10.18 2.97 -3.29
C THR A 27 10.52 1.59 -3.82
N GLU A 28 10.04 0.55 -3.09
CA GLU A 28 10.26 -0.83 -3.55
C GLU A 28 9.50 -1.03 -4.88
N GLY A 29 8.28 -0.54 -4.97
CA GLY A 29 7.48 -0.72 -6.14
C GLY A 29 7.98 0.00 -7.40
N LYS A 30 8.67 1.12 -7.25
CA LYS A 30 9.18 1.86 -8.39
C LYS A 30 10.06 1.01 -9.28
N GLU A 31 10.87 0.12 -8.70
CA GLU A 31 11.73 -0.72 -9.52
C GLU A 31 10.90 -1.60 -10.47
N GLY A 32 9.79 -2.09 -10.00
CA GLY A 32 8.89 -2.87 -10.79
C GLY A 32 8.21 -2.11 -11.87
N ASP A 34 9.26 0.67 -13.19
CA ASP A 34 10.26 1.04 -14.15
C ASP A 34 10.69 -0.13 -15.05
N THR A 35 10.78 -1.35 -14.49
CA THR A 35 11.04 -2.54 -15.30
C THR A 35 9.94 -2.77 -16.36
N TYR A 36 8.69 -2.65 -15.94
CA TYR A 36 7.60 -2.79 -16.91
C TYR A 36 7.73 -1.70 -18.00
N ALA A 37 7.98 -0.46 -17.59
CA ALA A 37 8.07 0.62 -18.52
C ALA A 37 9.16 0.37 -19.59
N LYS A 38 10.36 -0.04 -19.16
CA LYS A 38 11.48 -0.22 -20.07
C LYS A 38 11.23 -1.28 -21.13
N ALA A 39 10.45 -2.28 -20.74
CA ALA A 39 10.11 -3.45 -21.59
C ALA A 39 9.00 -3.15 -22.59
N ASN A 40 8.31 -2.03 -22.31
CA ASN A 40 7.13 -1.64 -23.06
C ASN A 40 7.17 -0.24 -23.70
N ASN A 41 8.40 0.27 -23.86
CA ASN A 41 8.69 1.48 -24.61
C ASN A 41 7.87 2.68 -24.01
N ILE A 42 7.87 2.71 -22.69
CA ILE A 42 7.29 3.79 -21.92
C ILE A 42 8.34 4.57 -21.16
N GLU A 43 8.27 5.87 -21.33
CA GLU A 43 9.08 6.74 -20.50
CA GLU A 43 9.06 6.78 -20.52
C GLU A 43 8.17 7.21 -19.35
N LEU A 44 8.60 6.88 -18.12
CA LEU A 44 7.87 7.25 -16.90
C LEU A 44 8.42 8.54 -16.35
N VAL A 45 7.51 9.45 -16.05
CA VAL A 45 7.86 10.76 -15.57
C VAL A 45 7.47 10.78 -14.09
N TRP A 46 8.43 10.53 -13.19
CA TRP A 46 8.16 10.42 -11.73
C TRP A 46 8.08 11.77 -11.04
N ASN A 47 7.05 11.91 -10.21
CA ASN A 47 6.88 13.04 -9.32
C ASN A 47 6.36 12.51 -7.98
N SER A 48 6.80 13.16 -6.92
CA SER A 48 6.36 12.87 -5.59
C SER A 48 5.88 14.14 -4.92
N ALA A 49 4.77 14.05 -4.21
CA ALA A 49 4.03 15.19 -3.74
C ALA A 49 4.30 15.63 -2.33
N ASN A 50 5.23 14.99 -1.65
CA ASN A 50 5.60 15.41 -0.29
C ASN A 50 4.37 15.47 0.66
N ASN A 51 3.49 14.50 0.47
CA ASN A 51 2.33 14.39 1.33
C ASN A 51 1.41 15.59 1.28
N ASP A 52 1.40 16.28 0.15
CA ASP A 52 0.67 17.55 0.10
C ASP A 52 -0.27 17.51 -1.12
N VAL A 53 -1.55 17.69 -0.86
CA VAL A 53 -2.59 17.68 -1.90
C VAL A 53 -2.32 18.75 -3.02
N SER A 54 -2.00 19.96 -2.60
CA SER A 54 -1.78 21.02 -3.57
C SER A 54 -0.59 20.81 -4.45
N THR A 55 0.46 20.22 -3.88
CA THR A 55 1.58 19.84 -4.70
C THR A 55 1.18 18.78 -5.71
N GLN A 56 0.43 17.75 -5.28
CA GLN A 56 0.01 16.76 -6.22
C GLN A 56 -0.86 17.34 -7.31
N ALA A 57 -1.77 18.22 -6.92
CA ALA A 57 -2.67 18.89 -7.94
C ALA A 57 -1.79 19.61 -9.01
N SER A 58 -0.75 20.32 -8.54
CA SER A 58 0.17 21.02 -9.44
C SER A 58 0.89 20.07 -10.38
N GLN A 59 1.25 18.89 -9.85
CA GLN A 59 1.96 17.90 -10.66
C GLN A 59 1.03 17.30 -11.75
N VAL A 60 -0.23 17.04 -11.38
CA VAL A 60 -1.20 16.60 -12.39
C VAL A 60 -1.35 17.64 -13.48
N ASP A 61 -1.54 18.87 -13.07
CA ASP A 61 -1.68 19.95 -14.03
C ASP A 61 -0.49 20.08 -14.96
N SER A 62 0.72 19.96 -14.44
CA SER A 62 1.92 20.08 -15.28
CA SER A 62 1.93 20.06 -15.28
C SER A 62 1.95 18.91 -16.25
N LEU A 63 1.61 17.69 -15.82
CA LEU A 63 1.61 16.53 -16.70
C LEU A 63 0.57 16.70 -17.81
N ILE A 64 -0.57 17.28 -17.45
CA ILE A 64 -1.57 17.60 -18.48
C ILE A 64 -1.00 18.57 -19.50
N ASN A 65 -0.39 19.62 -18.98
CA ASN A 65 0.18 20.62 -19.84
C ASN A 65 1.24 20.11 -20.79
N GLN A 66 2.04 19.15 -20.31
CA GLN A 66 3.09 18.49 -21.11
C GLN A 66 2.51 17.58 -22.17
N GLY A 67 1.23 17.28 -22.08
CA GLY A 67 0.55 16.44 -23.08
C GLY A 67 0.96 14.98 -23.04
N VAL A 68 1.18 14.46 -21.84
CA VAL A 68 1.54 13.04 -21.65
C VAL A 68 0.43 12.16 -22.17
N ASP A 69 0.75 10.91 -22.44
CA ASP A 69 -0.22 9.95 -22.96
C ASP A 69 -1.19 9.44 -21.91
N ALA A 70 -0.73 9.39 -20.66
CA ALA A 70 -1.53 8.94 -19.53
C ALA A 70 -0.91 9.46 -18.24
N ILE A 71 -1.73 9.42 -17.18
CA ILE A 71 -1.33 9.89 -15.82
C ILE A 71 -1.80 8.90 -14.80
N ILE A 72 -0.86 8.49 -13.93
CA ILE A 72 -1.16 7.65 -12.81
C ILE A 72 -0.96 8.47 -11.56
N VAL A 73 -2.02 8.47 -10.74
CA VAL A 73 -2.00 9.13 -9.47
C VAL A 73 -2.09 8.14 -8.33
N VAL A 74 -1.15 8.21 -7.41
CA VAL A 74 -1.28 7.52 -6.09
C VAL A 74 -1.56 8.66 -5.11
N PRO A 75 -2.83 8.80 -4.74
CA PRO A 75 -3.25 10.07 -4.13
C PRO A 75 -2.84 10.26 -2.67
N VAL A 76 -2.78 11.52 -2.30
CA VAL A 76 -2.62 11.95 -0.92
C VAL A 76 -3.91 11.83 -0.15
N GLN A 77 -4.99 12.36 -0.70
CA GLN A 77 -6.30 12.40 -0.06
C GLN A 77 -7.37 11.86 -1.01
N ALA A 78 -8.36 11.13 -0.48
CA ALA A 78 -9.36 10.50 -1.33
C ALA A 78 -10.26 11.58 -1.97
N ASP A 79 -10.69 12.55 -1.17
CA ASP A 79 -11.57 13.60 -1.67
C ASP A 79 -10.74 14.78 -2.19
N SER A 80 -10.14 14.60 -3.34
CA SER A 80 -9.23 15.59 -3.91
C SER A 80 -9.10 15.40 -5.41
N LEU A 81 -8.52 16.42 -6.04
CA LEU A 81 -8.08 16.40 -7.48
C LEU A 81 -9.22 16.37 -8.45
N GLY A 82 -10.44 16.68 -8.00
CA GLY A 82 -11.59 16.68 -8.93
C GLY A 82 -11.35 17.49 -10.19
N PRO A 83 -10.95 18.78 -10.07
CA PRO A 83 -10.74 19.58 -11.27
C PRO A 83 -9.68 18.99 -12.22
N GLN A 84 -8.60 18.49 -11.62
CA GLN A 84 -7.55 17.92 -12.45
C GLN A 84 -7.94 16.65 -13.20
N VAL A 85 -8.72 15.79 -12.53
CA VAL A 85 -9.25 14.57 -13.16
C VAL A 85 -10.23 14.95 -14.29
N ALA A 86 -11.08 15.93 -14.03
CA ALA A 86 -11.97 16.45 -15.03
C ALA A 86 -11.21 17.02 -16.22
N SER A 87 -10.18 17.80 -15.92
CA SER A 87 -9.39 18.40 -16.96
C SER A 87 -8.75 17.33 -17.84
N ALA A 88 -8.14 16.33 -17.21
CA ALA A 88 -7.47 15.24 -17.98
C ALA A 88 -8.52 14.53 -18.88
N LYS A 89 -9.70 14.24 -18.34
CA LYS A 89 -10.74 13.54 -19.09
C LYS A 89 -11.21 14.41 -20.29
N SER A 90 -11.37 15.71 -20.05
CA SER A 90 -11.86 16.68 -21.11
C SER A 90 -10.85 16.79 -22.26
N LYS A 91 -9.58 16.51 -21.97
CA LYS A 91 -8.49 16.54 -22.94
C LYS A 91 -8.11 15.19 -23.52
N GLY A 92 -8.85 14.14 -23.16
CA GLY A 92 -8.62 12.79 -23.69
C GLY A 92 -7.33 12.14 -23.17
N ILE A 93 -6.89 12.54 -21.97
CA ILE A 93 -5.70 11.92 -21.35
C ILE A 93 -6.19 10.96 -20.25
N PRO A 94 -6.06 9.63 -20.44
CA PRO A 94 -6.43 8.69 -19.40
C PRO A 94 -5.71 8.95 -18.11
N LEU A 95 -6.48 9.09 -17.03
CA LEU A 95 -5.95 9.27 -15.68
C LEU A 95 -6.46 8.12 -14.82
N LEU A 96 -5.51 7.45 -14.17
CA LEU A 96 -5.85 6.32 -13.32
C LEU A 96 -5.46 6.59 -11.88
N ALA A 97 -6.31 6.16 -10.96
CA ALA A 97 -5.90 6.03 -9.57
C ALA A 97 -5.33 4.64 -9.35
N VAL A 98 -4.20 4.60 -8.65
CA VAL A 98 -3.55 3.35 -8.34
C VAL A 98 -3.15 3.39 -6.86
N ASN A 99 -3.34 2.25 -6.18
CA ASN A 99 -2.89 2.02 -4.82
C ASN A 99 -3.70 2.70 -3.72
N ALA A 100 -4.11 3.94 -3.92
CA ALA A 100 -5.09 4.57 -3.05
C ALA A 100 -6.16 5.21 -3.94
N ALA A 101 -7.33 5.43 -3.34
CA ALA A 101 -8.56 5.74 -4.07
C ALA A 101 -8.85 7.24 -4.13
N LEU A 102 -9.59 7.63 -5.16
CA LEU A 102 -10.11 8.98 -5.27
C LEU A 102 -11.61 8.82 -5.32
N GLU A 103 -12.26 9.92 -4.96
CA GLU A 103 -13.75 10.00 -5.00
C GLU A 103 -14.33 10.36 -6.37
N THR A 104 -13.57 11.02 -7.22
CA THR A 104 -14.09 11.47 -8.50
C THR A 104 -14.70 10.36 -9.34
N PRO A 105 -15.73 10.67 -10.11
CA PRO A 105 -16.35 9.71 -11.05
C PRO A 105 -15.68 9.68 -12.41
N ASP A 106 -14.57 10.41 -12.56
CA ASP A 106 -13.94 10.59 -13.92
C ASP A 106 -12.64 9.81 -14.17
N LEU A 107 -12.38 8.77 -13.35
CA LEU A 107 -11.17 7.99 -13.60
C LEU A 107 -11.32 7.14 -14.85
N ALA A 108 -10.20 6.97 -15.56
CA ALA A 108 -10.11 6.03 -16.71
C ALA A 108 -9.81 4.61 -16.27
N GLY A 109 -9.19 4.51 -15.11
CA GLY A 109 -8.93 3.23 -14.49
C GLY A 109 -8.69 3.39 -13.01
N ASN A 110 -8.66 2.26 -12.32
CA ASN A 110 -8.68 2.31 -10.87
C ASN A 110 -8.18 0.99 -10.36
N VAL A 111 -6.90 0.97 -10.02
CA VAL A 111 -6.16 -0.25 -9.73
C VAL A 111 -5.82 -0.26 -8.24
N GLN A 112 -6.58 -1.04 -7.44
CA GLN A 112 -6.64 -0.83 -6.01
C GLN A 112 -6.43 -2.10 -5.23
N PRO A 113 -5.81 -1.98 -4.05
CA PRO A 113 -5.87 -3.05 -3.06
C PRO A 113 -7.22 -3.08 -2.40
N ASP A 114 -7.60 -4.26 -1.94
CA ASP A 114 -8.75 -4.38 -1.06
C ASP A 114 -8.28 -4.10 0.35
N ASP A 115 -8.33 -2.80 0.68
CA ASP A 115 -7.84 -2.34 1.97
C ASP A 115 -8.77 -2.70 3.15
N VAL A 116 -10.10 -2.87 2.88
CA VAL A 116 -10.96 -3.34 3.93
C VAL A 116 -10.53 -4.76 4.34
N ALA A 117 -10.31 -5.61 3.35
CA ALA A 117 -9.88 -6.97 3.61
C ALA A 117 -8.54 -7.00 4.33
N ALA A 118 -7.61 -6.13 3.96
CA ALA A 118 -6.27 -6.10 4.60
C ALA A 118 -6.41 -5.67 6.05
N GLY A 119 -7.23 -4.65 6.31
CA GLY A 119 -7.41 -4.22 7.69
C GLY A 119 -8.05 -5.31 8.58
N ALA A 120 -9.06 -5.99 8.00
CA ALA A 120 -9.67 -7.12 8.71
C ALA A 120 -8.64 -8.22 8.95
N GLN A 121 -7.80 -8.50 7.94
CA GLN A 121 -6.84 -9.56 8.10
C GLN A 121 -5.82 -9.25 9.17
N GLU A 122 -5.32 -8.00 9.21
CA GLU A 122 -4.33 -7.69 10.25
C GLU A 122 -4.96 -7.74 11.66
N GLN A 124 -7.58 -9.56 12.55
CA GLN A 124 -7.78 -10.97 12.90
C GLN A 124 -6.45 -11.67 13.31
N ALA A 127 -6.16 -10.56 16.90
CA ALA A 127 -7.13 -11.23 17.77
C ALA A 127 -6.71 -12.69 18.03
N ASP A 128 -6.24 -13.33 16.97
CA ASP A 128 -5.73 -14.70 17.08
C ASP A 128 -4.56 -14.73 18.08
N ARG A 129 -3.60 -13.83 17.92
CA ARG A 129 -2.44 -13.80 18.84
C ARG A 129 -2.83 -13.61 20.28
N LEU A 130 -3.80 -12.72 20.49
CA LEU A 130 -4.20 -12.33 21.86
C LEU A 130 -5.22 -13.30 22.48
N GLY A 131 -5.67 -14.30 21.71
CA GLY A 131 -6.73 -15.18 22.21
C GLY A 131 -8.04 -14.44 22.49
N GLY A 132 -8.29 -13.38 21.70
CA GLY A 132 -9.51 -12.59 21.83
C GLY A 132 -9.60 -11.70 23.03
N LYS A 133 -8.49 -11.39 23.69
CA LYS A 133 -8.50 -10.56 24.88
C LYS A 133 -7.24 -9.70 24.99
N GLY A 134 -7.40 -8.41 25.25
CA GLY A 134 -6.25 -7.53 25.47
C GLY A 134 -6.54 -6.09 25.05
N ASN A 135 -5.60 -5.24 25.42
CA ASN A 135 -5.65 -3.85 25.05
C ASN A 135 -4.68 -3.57 23.91
N ILE A 136 -5.08 -2.87 22.88
CA ILE A 136 -4.26 -2.55 21.78
C ILE A 136 -4.21 -1.04 21.56
N VAL A 137 -3.22 -0.66 20.74
CA VAL A 137 -3.19 0.65 20.12
C VAL A 137 -3.11 0.49 18.63
N ILE A 138 -3.63 1.47 17.87
CA ILE A 138 -3.69 1.42 16.43
C ILE A 138 -2.99 2.63 15.83
N LEU A 139 -2.04 2.35 14.93
CA LEU A 139 -1.36 3.42 14.17
C LEU A 139 -1.93 3.47 12.75
N GLN A 140 -2.47 4.66 12.45
CA GLN A 140 -3.17 4.87 11.21
C GLN A 140 -2.31 5.51 10.08
N GLY A 141 -2.67 5.22 8.82
CA GLY A 141 -2.13 6.03 7.71
C GLY A 141 -2.67 7.47 7.74
N PRO A 142 -2.23 8.29 6.80
CA PRO A 142 -2.63 9.73 6.74
C PRO A 142 -4.17 9.82 6.78
N LEU A 143 -4.67 10.68 7.66
CA LEU A 143 -6.11 10.82 7.78
C LEU A 143 -6.69 11.37 6.48
N GLY A 144 -7.83 10.77 6.10
CA GLY A 144 -8.50 11.17 4.86
C GLY A 144 -7.99 10.49 3.61
N GLY A 145 -6.91 9.68 3.74
CA GLY A 145 -6.54 8.79 2.67
C GLY A 145 -7.36 7.50 2.70
N SER A 146 -7.58 6.91 1.54
CA SER A 146 -8.42 5.71 1.48
C SER A 146 -7.77 4.57 2.30
N GLY A 147 -6.44 4.53 2.38
CA GLY A 147 -5.75 3.46 3.19
C GLY A 147 -6.28 3.42 4.61
N GLU A 148 -6.28 4.58 5.29
CA GLU A 148 -6.79 4.65 6.67
C GLU A 148 -8.25 4.40 6.73
N ILE A 149 -9.00 5.05 5.81
CA ILE A 149 -10.47 4.93 5.87
C ILE A 149 -10.86 3.44 5.74
N ASN A 150 -10.32 2.79 4.73
CA ASN A 150 -10.72 1.41 4.43
C ASN A 150 -10.07 0.37 5.36
N ARG A 151 -8.79 0.52 5.66
CA ARG A 151 -8.19 -0.41 6.67
C ARG A 151 -8.90 -0.23 7.97
N GLY A 152 -9.26 1.02 8.35
CA GLY A 152 -10.01 1.20 9.59
C GLY A 152 -11.38 0.51 9.61
N LYS A 153 -12.09 0.50 8.47
CA LYS A 153 -13.34 -0.21 8.35
C LYS A 153 -13.12 -1.70 8.63
N GLY A 154 -12.10 -2.30 8.02
CA GLY A 154 -11.84 -3.69 8.16
C GLY A 154 -11.44 -4.05 9.60
N ILE A 155 -10.60 -3.22 10.22
CA ILE A 155 -10.24 -3.41 11.63
C ILE A 155 -11.52 -3.38 12.49
N ASP A 156 -12.38 -2.39 12.23
CA ASP A 156 -13.59 -2.25 13.00
C ASP A 156 -14.54 -3.47 12.81
N GLN A 157 -14.60 -4.04 11.61
CA GLN A 157 -15.43 -5.21 11.35
C GLN A 157 -15.02 -6.39 12.27
N VAL A 158 -13.72 -6.49 12.53
CA VAL A 158 -13.20 -7.53 13.35
C VAL A 158 -13.33 -7.20 14.85
N LEU A 159 -13.05 -5.96 15.22
CA LEU A 159 -13.28 -5.56 16.60
C LEU A 159 -14.74 -5.80 17.04
N ALA A 160 -15.70 -5.67 16.12
CA ALA A 160 -17.07 -5.95 16.42
C ALA A 160 -17.34 -7.37 16.98
N LYS A 161 -16.37 -8.27 16.80
CA LYS A 161 -16.55 -9.65 17.23
C LYS A 161 -15.84 -9.98 18.58
N TYR A 162 -15.10 -9.01 19.16
CA TYR A 162 -14.21 -9.22 20.28
C TYR A 162 -14.47 -8.24 21.42
N PRO A 163 -15.48 -8.52 22.27
CA PRO A 163 -15.75 -7.61 23.38
C PRO A 163 -14.60 -7.45 24.35
N ASP A 164 -13.70 -8.42 24.42
CA ASP A 164 -12.64 -8.35 25.37
C ASP A 164 -11.35 -7.71 24.80
N ILE A 165 -11.41 -7.22 23.56
CA ILE A 165 -10.34 -6.44 22.99
C ILE A 165 -10.74 -5.00 23.08
N LYS A 166 -9.86 -4.19 23.68
N LYS A 166 -9.84 -4.19 23.66
CA LYS A 166 -10.09 -2.75 23.89
CA LYS A 166 -10.10 -2.75 23.88
C LYS A 166 -9.02 -1.94 23.19
C LYS A 166 -9.06 -1.96 23.15
N VAL A 167 -9.43 -0.88 22.49
CA VAL A 167 -8.49 0.02 21.81
C VAL A 167 -8.25 1.20 22.76
N LEU A 168 -7.05 1.26 23.28
CA LEU A 168 -6.61 2.33 24.21
C LEU A 168 -6.42 3.66 23.53
N ALA A 169 -5.97 3.61 22.28
CA ALA A 169 -5.67 4.80 21.51
C ALA A 169 -5.52 4.45 20.05
N LYS A 170 -5.91 5.39 19.18
CA LYS A 170 -5.69 5.33 17.75
C LYS A 170 -5.25 6.73 17.34
N ASP A 171 -4.22 6.81 16.46
CA ASP A 171 -3.84 8.07 15.85
C ASP A 171 -3.01 7.79 14.62
N THR A 172 -2.87 8.81 13.79
CA THR A 172 -2.05 8.70 12.63
C THR A 172 -0.58 8.85 12.92
N ALA A 173 0.20 8.11 12.12
CA ALA A 173 1.63 8.44 11.98
C ALA A 173 2.00 8.57 10.48
N ASN A 174 0.99 8.79 9.65
CA ASN A 174 1.25 9.23 8.25
C ASN A 174 2.15 8.30 7.40
N TRP A 175 2.04 6.97 7.68
CA TRP A 175 2.84 5.88 7.04
C TRP A 175 4.31 5.88 7.45
N LYS A 176 4.74 6.75 8.36
CA LYS A 176 6.16 6.98 8.58
C LYS A 176 6.71 6.31 9.83
N ARG A 177 7.92 5.75 9.70
CA ARG A 177 8.54 5.09 10.85
C ARG A 177 8.81 5.99 12.01
N ASP A 178 9.43 7.14 11.79
CA ASP A 178 9.82 7.95 12.92
C ASP A 178 8.65 8.72 13.58
N GLU A 179 7.61 9.02 12.87
CA GLU A 179 6.41 9.56 13.46
C GLU A 179 5.73 8.51 14.35
N ALA A 180 5.81 7.26 13.93
CA ALA A 180 5.29 6.14 14.74
C ALA A 180 6.08 5.91 16.01
N VAL A 181 7.38 6.13 15.92
CA VAL A 181 8.20 6.06 17.14
C VAL A 181 7.72 7.07 18.14
N ASN A 182 7.53 8.29 17.69
CA ASN A 182 7.15 9.37 18.60
C ASN A 182 5.74 9.15 19.19
N LYS A 183 4.81 8.69 18.36
CA LYS A 183 3.45 8.49 18.82
C LYS A 183 3.44 7.35 19.87
N LYS A 185 5.93 6.38 21.72
CA LYS A 185 6.52 6.85 22.94
C LYS A 185 5.53 7.59 23.82
N ASN A 186 4.65 8.39 23.25
CA ASN A 186 3.61 9.08 24.03
C ASN A 186 2.69 8.01 24.68
N TRP A 187 2.29 6.99 23.94
CA TRP A 187 1.33 6.04 24.46
C TRP A 187 1.96 5.14 25.56
N ILE A 188 3.19 4.77 25.33
CA ILE A 188 3.98 4.10 26.36
C ILE A 188 4.07 4.91 27.67
N SER A 189 4.25 6.21 27.53
CA SER A 189 4.21 7.12 28.69
CA SER A 189 4.20 7.09 28.71
C SER A 189 2.83 7.12 29.41
N SER A 190 1.76 7.19 28.60
CA SER A 190 0.40 7.26 29.08
C SER A 190 -0.09 5.91 29.70
N PHE A 191 0.24 4.80 29.09
CA PHE A 191 -0.51 3.52 29.32
C PHE A 191 0.45 2.36 29.63
N GLY A 192 1.73 2.45 29.33
CA GLY A 192 2.72 1.48 29.80
C GLY A 192 2.46 -0.01 29.56
N PRO A 193 2.60 -0.85 30.61
CA PRO A 193 2.37 -2.28 30.27
C PRO A 193 0.93 -2.70 30.12
N GLN A 194 0.02 -1.72 30.15
CA GLN A 194 -1.38 -2.01 29.71
C GLN A 194 -1.46 -2.38 28.21
N ILE A 195 -0.47 -1.95 27.44
CA ILE A 195 -0.51 -2.18 26.01
C ILE A 195 -0.11 -3.64 25.74
N ASP A 196 -1.07 -4.40 25.25
CA ASP A 196 -0.82 -5.81 24.91
C ASP A 196 -0.48 -6.10 23.44
N GLY A 197 -0.75 -5.15 22.56
CA GLY A 197 -0.51 -5.30 21.13
C GLY A 197 -0.58 -4.00 20.39
N VAL A 198 0.11 -3.99 19.26
CA VAL A 198 0.13 -2.89 18.31
C VAL A 198 -0.37 -3.34 16.96
N VAL A 199 -1.40 -2.65 16.48
CA VAL A 199 -1.95 -2.88 15.16
C VAL A 199 -1.55 -1.69 14.30
N ALA A 200 -0.59 -1.91 13.41
CA ALA A 200 -0.07 -0.83 12.59
C ALA A 200 -0.58 -0.97 11.19
N GLN A 201 -1.19 0.08 10.66
CA GLN A 201 -1.78 0.00 9.29
C GLN A 201 -0.74 -0.14 8.19
N ASN A 202 0.55 0.07 8.49
CA ASN A 202 1.57 -0.41 7.57
C ASN A 202 2.76 -0.94 8.37
N ASP A 203 3.66 -1.62 7.66
CA ASP A 203 4.87 -2.16 8.28
C ASP A 203 5.79 -1.05 8.82
N ASP A 204 5.92 0.03 8.05
CA ASP A 204 6.75 1.16 8.45
C ASP A 204 6.42 1.65 9.86
N GLY A 206 4.67 -0.04 12.14
CA GLY A 206 4.89 -1.07 13.10
C GLY A 206 6.37 -1.19 13.52
N LEU A 207 7.28 -0.91 12.58
CA LEU A 207 8.72 -0.92 12.85
C LEU A 207 9.09 0.24 13.77
N GLY A 208 8.42 1.38 13.65
CA GLY A 208 8.61 2.51 14.56
C GLY A 208 8.14 2.16 15.95
N ALA A 209 6.98 1.49 16.02
CA ALA A 209 6.45 1.07 17.28
C ALA A 209 7.45 0.08 17.98
N LEU A 210 8.00 -0.83 17.20
CA LEU A 210 9.01 -1.77 17.70
C LEU A 210 10.21 -1.09 18.34
N GLN A 211 10.69 -0.03 17.66
CA GLN A 211 11.79 0.74 18.18
C GLN A 211 11.41 1.41 19.50
N ALA A 212 10.23 2.01 19.58
CA ALA A 212 9.83 2.70 20.81
C ALA A 212 9.75 1.68 21.95
N LEU A 213 9.17 0.51 21.66
CA LEU A 213 9.04 -0.55 22.70
C LEU A 213 10.41 -1.05 23.20
N LYS A 214 11.32 -1.25 22.26
CA LYS A 214 12.68 -1.65 22.58
C LYS A 214 13.35 -0.65 23.50
N GLU A 215 13.18 0.64 23.21
CA GLU A 215 13.77 1.70 24.06
C GLU A 215 13.17 1.79 25.47
N ALA A 216 11.93 1.33 25.61
CA ALA A 216 11.20 1.35 26.87
C ALA A 216 11.41 0.07 27.65
N GLY A 217 12.28 -0.78 27.11
CA GLY A 217 12.71 -2.03 27.75
C GLY A 217 11.80 -3.22 27.51
N ARG A 218 10.91 -3.04 26.53
CA ARG A 218 9.78 -3.90 26.34
C ARG A 218 9.96 -4.82 25.18
N THR A 219 9.96 -6.12 25.45
CA THR A 219 10.32 -7.08 24.42
C THR A 219 9.13 -8.02 24.24
N GLY A 220 8.95 -8.53 23.04
CA GLY A 220 7.86 -9.52 22.84
C GLY A 220 6.39 -9.01 22.84
N VAL A 221 6.16 -7.71 22.77
CA VAL A 221 4.79 -7.17 22.50
C VAL A 221 4.46 -7.48 21.07
N PRO A 222 3.35 -8.21 20.84
CA PRO A 222 2.91 -8.44 19.50
C PRO A 222 2.63 -7.18 18.69
N ILE A 223 3.14 -7.21 17.44
CA ILE A 223 2.91 -6.15 16.46
C ILE A 223 2.49 -6.80 15.17
N VAL A 224 1.49 -6.20 14.52
CA VAL A 224 1.12 -6.66 13.18
C VAL A 224 1.19 -5.46 12.22
N GLY A 225 1.59 -5.73 10.99
CA GLY A 225 1.71 -4.78 9.95
C GLY A 225 0.96 -5.14 8.68
N ILE A 226 1.04 -4.25 7.69
CA ILE A 226 0.56 -4.42 6.29
C ILE A 226 1.65 -3.88 5.38
N ASP A 227 2.01 -4.72 4.40
CA ASP A 227 2.75 -4.47 3.18
C ASP A 227 3.77 -5.55 2.83
N GLY A 228 4.44 -6.10 3.83
CA GLY A 228 5.54 -7.00 3.52
C GLY A 228 6.66 -6.25 2.79
N ILE A 229 6.98 -5.04 3.20
CA ILE A 229 8.24 -4.42 2.75
C ILE A 229 9.42 -5.22 3.31
N GLU A 230 10.60 -4.94 2.77
CA GLU A 230 11.78 -5.76 3.15
C GLU A 230 11.85 -5.89 4.68
N ASP A 231 11.84 -4.76 5.37
CA ASP A 231 12.08 -4.77 6.82
C ASP A 231 10.91 -5.44 7.54
N GLY A 232 9.72 -5.33 6.96
CA GLY A 232 8.56 -5.98 7.53
C GLY A 232 8.60 -7.51 7.43
N LEU A 233 8.97 -7.99 6.27
CA LEU A 233 9.20 -9.44 6.12
C LEU A 233 10.28 -9.97 7.08
N ASN A 234 11.40 -9.23 7.20
CA ASN A 234 12.44 -9.60 8.14
C ASN A 234 11.88 -9.66 9.58
N ALA A 235 10.98 -8.72 9.92
CA ALA A 235 10.37 -8.69 11.26
C ALA A 235 9.47 -9.93 11.47
N VAL A 236 8.72 -10.32 10.41
CA VAL A 236 7.91 -11.55 10.53
C VAL A 236 8.84 -12.76 10.78
N LYS A 237 9.89 -12.87 9.96
CA LYS A 237 10.83 -13.98 10.10
C LYS A 237 11.48 -14.04 11.48
N SER A 238 11.85 -12.91 12.05
CA SER A 238 12.50 -12.87 13.37
C SER A 238 11.49 -13.03 14.54
N GLY A 239 10.20 -12.88 14.27
CA GLY A 239 9.20 -12.83 15.34
C GLY A 239 8.96 -11.47 15.94
N ASP A 240 9.63 -10.43 15.44
CA ASP A 240 9.36 -9.03 15.85
C ASP A 240 7.94 -8.57 15.50
N PHE A 241 7.40 -9.15 14.41
CA PHE A 241 6.02 -9.02 13.99
C PHE A 241 5.38 -10.39 14.07
N ILE A 242 4.08 -10.43 14.31
CA ILE A 242 3.32 -11.66 14.28
C ILE A 242 2.95 -12.12 12.85
N GLY A 243 3.05 -11.17 11.92
CA GLY A 243 2.58 -11.36 10.58
C GLY A 243 2.48 -10.00 9.87
N THR A 244 2.23 -10.09 8.57
CA THR A 244 1.89 -8.93 7.75
C THR A 244 1.00 -9.41 6.58
N SER A 245 0.61 -8.49 5.73
CA SER A 245 -0.17 -8.79 4.56
C SER A 245 0.66 -8.27 3.39
N LEU A 246 0.91 -9.15 2.41
CA LEU A 246 1.79 -8.76 1.32
C LEU A 246 1.10 -7.80 0.37
N GLN A 247 1.73 -6.67 0.13
CA GLN A 247 1.36 -5.71 -0.92
C GLN A 247 2.66 -5.44 -1.68
N ASN A 248 2.93 -6.33 -2.65
CA ASN A 248 4.16 -6.21 -3.39
C ASN A 248 4.07 -5.07 -4.37
N GLY A 249 4.78 -3.97 -4.06
CA GLY A 249 4.68 -2.81 -4.93
C GLY A 249 5.16 -3.05 -6.35
N THR A 250 6.11 -3.98 -6.53
CA THR A 250 6.61 -4.22 -7.88
C THR A 250 5.48 -4.77 -8.69
N VAL A 251 4.63 -5.60 -8.08
CA VAL A 251 3.51 -6.25 -8.78
C VAL A 251 2.34 -5.25 -8.94
N GLU A 252 1.94 -4.61 -7.84
CA GLU A 252 0.76 -3.79 -7.93
C GLU A 252 0.99 -2.58 -8.82
N LEU A 253 2.17 -1.93 -8.70
CA LEU A 253 2.40 -0.74 -9.52
C LEU A 253 2.60 -1.09 -11.00
N SER A 254 3.25 -2.23 -11.29
CA SER A 254 3.38 -2.63 -12.71
C SER A 254 1.99 -3.01 -13.26
N ALA A 255 1.09 -3.57 -12.44
CA ALA A 255 -0.30 -3.83 -12.90
C ALA A 255 -1.01 -2.54 -13.28
N GLY A 256 -0.80 -1.52 -12.46
CA GLY A 256 -1.31 -0.23 -12.75
C GLY A 256 -0.82 0.34 -14.05
N LEU A 257 0.50 0.29 -14.24
CA LEU A 257 1.07 0.75 -15.50
C LEU A 257 0.57 -0.03 -16.70
N ALA A 258 0.39 -1.33 -16.54
CA ALA A 258 -0.06 -2.12 -17.66
C ALA A 258 -1.54 -1.71 -18.08
N VAL A 259 -2.39 -1.42 -17.10
CA VAL A 259 -3.73 -0.91 -17.42
C VAL A 259 -3.62 0.45 -18.12
N ALA A 260 -2.77 1.33 -17.60
CA ALA A 260 -2.53 2.62 -18.31
C ALA A 260 -2.04 2.41 -19.76
N ASP A 261 -1.08 1.48 -19.93
CA ASP A 261 -0.50 1.23 -21.28
C ASP A 261 -1.59 0.78 -22.24
N ALA A 262 -2.44 -0.09 -21.78
CA ALA A 262 -3.55 -0.61 -22.56
C ALA A 262 -4.54 0.45 -22.96
N LEU A 263 -4.84 1.35 -22.04
CA LEU A 263 -5.67 2.52 -22.38
C LEU A 263 -5.00 3.45 -23.43
N VAL A 264 -3.72 3.72 -23.28
CA VAL A 264 -2.98 4.52 -24.25
C VAL A 264 -3.07 3.86 -25.66
N LYS A 265 -2.97 2.54 -25.69
CA LYS A 265 -3.00 1.77 -26.97
C LYS A 265 -4.41 1.52 -27.50
N GLY A 266 -5.42 1.92 -26.76
CA GLY A 266 -6.83 1.80 -27.22
C GLY A 266 -7.33 0.38 -27.14
N GLU A 267 -6.69 -0.40 -26.28
CA GLU A 267 -7.04 -1.78 -26.08
C GLU A 267 -8.17 -1.93 -25.03
N ASP A 268 -9.00 -2.94 -25.25
CA ASP A 268 -9.90 -3.37 -24.20
C ASP A 268 -9.06 -4.01 -23.08
N VAL A 269 -9.40 -3.65 -21.86
CA VAL A 269 -8.69 -4.11 -20.65
C VAL A 269 -9.66 -4.04 -19.49
N LYS A 270 -9.46 -4.90 -18.52
CA LYS A 270 -10.12 -4.74 -17.20
C LYS A 270 -9.55 -3.46 -16.56
N THR A 271 -10.39 -2.44 -16.32
CA THR A 271 -9.86 -1.13 -15.85
C THR A 271 -9.87 -0.98 -14.30
N ASP A 272 -10.57 -1.93 -13.64
CA ASP A 272 -10.75 -1.91 -12.19
CA ASP A 272 -10.75 -1.90 -12.17
C ASP A 272 -10.34 -3.20 -11.48
N PRO A 273 -9.18 -3.76 -11.80
CA PRO A 273 -8.78 -4.93 -11.08
C PRO A 273 -8.48 -4.63 -9.57
N VAL A 274 -8.57 -5.67 -8.74
CA VAL A 274 -8.34 -5.60 -7.34
C VAL A 274 -7.22 -6.50 -6.89
N TYR A 275 -6.31 -5.88 -6.15
CA TYR A 275 -5.15 -6.57 -5.53
C TYR A 275 -5.59 -7.03 -4.12
N VAL A 276 -5.63 -8.34 -3.96
CA VAL A 276 -5.98 -8.95 -2.67
C VAL A 276 -4.67 -9.41 -2.00
N PRO A 278 -2.21 -11.32 0.24
CA PRO A 278 -2.12 -12.58 0.97
C PRO A 278 -1.49 -12.42 2.37
N ALA A 279 -1.97 -13.22 3.31
CA ALA A 279 -1.42 -13.30 4.61
C ALA A 279 -0.01 -13.86 4.56
N ILE A 280 0.88 -13.17 5.30
CA ILE A 280 2.26 -13.58 5.50
C ILE A 280 2.53 -13.87 6.97
N THR A 281 3.02 -15.08 7.23
CA THR A 281 3.45 -15.53 8.58
C THR A 281 4.76 -16.26 8.44
N LYS A 282 5.30 -16.74 9.55
CA LYS A 282 6.52 -17.58 9.48
C LYS A 282 6.43 -18.74 8.55
N ASP A 283 5.20 -19.23 8.35
CA ASP A 283 4.94 -20.38 7.42
C ASP A 283 5.33 -20.16 5.97
N ASN A 284 5.08 -18.93 5.50
CA ASN A 284 5.29 -18.58 4.10
C ASN A 284 6.21 -17.40 3.80
N VAL A 285 6.79 -16.85 4.84
CA VAL A 285 7.60 -15.63 4.72
C VAL A 285 8.81 -15.83 3.80
N ASP A 286 9.31 -17.08 3.77
CA ASP A 286 10.57 -17.32 3.04
C ASP A 286 10.39 -17.00 1.53
N VAL A 287 9.24 -17.39 0.99
CA VAL A 287 8.97 -17.17 -0.41
C VAL A 287 8.86 -15.63 -0.69
N ALA A 288 8.10 -14.90 0.13
CA ALA A 288 8.05 -13.44 0.02
C ALA A 288 9.42 -12.80 0.12
N ILE A 289 10.28 -13.30 1.02
CA ILE A 289 11.65 -12.77 1.15
C ILE A 289 12.42 -13.00 -0.12
N GLU A 290 12.27 -14.15 -0.75
CA GLU A 290 12.93 -14.33 -2.07
C GLU A 290 12.48 -13.28 -3.09
N HIS A 291 11.17 -13.03 -3.14
CA HIS A 291 10.70 -12.15 -4.22
C HIS A 291 10.95 -10.65 -3.95
N VAL A 292 10.90 -10.26 -2.68
CA VAL A 292 11.01 -8.84 -2.24
C VAL A 292 12.42 -8.46 -1.79
N VAL A 293 13.19 -9.43 -1.28
CA VAL A 293 14.46 -9.08 -0.63
C VAL A 293 15.65 -9.75 -1.31
N THR A 294 15.75 -11.09 -1.29
CA THR A 294 16.98 -11.78 -1.65
C THR A 294 17.19 -12.22 -3.12
N GLU A 295 16.08 -12.32 -3.83
CA GLU A 295 16.11 -12.68 -5.23
C GLU A 295 15.24 -11.69 -6.02
N ARG A 296 15.36 -10.42 -5.68
CA ARG A 296 14.58 -9.33 -6.31
C ARG A 296 14.89 -9.29 -7.80
N GLN A 297 16.17 -9.39 -8.18
CA GLN A 297 16.48 -9.20 -9.58
C GLN A 297 15.85 -10.33 -10.43
N LYS A 298 15.89 -11.56 -9.92
CA LYS A 298 15.23 -12.72 -10.54
C LYS A 298 13.73 -12.44 -10.67
N PHE A 299 13.16 -11.90 -9.59
CA PHE A 299 11.70 -11.63 -9.63
C PHE A 299 11.39 -10.54 -10.70
N LEU A 300 12.20 -9.51 -10.72
CA LEU A 300 12.00 -8.47 -11.76
C LEU A 300 12.13 -9.02 -13.16
N ASP A 301 13.04 -9.97 -13.38
CA ASP A 301 13.23 -10.57 -14.70
C ASP A 301 11.96 -11.31 -15.15
N GLY A 302 11.14 -11.77 -14.20
CA GLY A 302 9.86 -12.44 -14.52
C GLY A 302 8.62 -11.53 -14.49
N LEU A 303 8.80 -10.28 -14.10
CA LEU A 303 7.64 -9.44 -13.83
C LEU A 303 6.77 -9.07 -15.01
N VAL A 304 7.36 -8.73 -16.17
CA VAL A 304 6.51 -8.37 -17.31
C VAL A 304 5.59 -9.54 -17.66
N GLU A 305 6.14 -10.77 -17.71
CA GLU A 305 5.33 -11.98 -18.01
C GLU A 305 4.25 -12.18 -16.96
N LEU A 306 4.60 -12.05 -15.69
CA LEU A 306 3.61 -12.21 -14.59
C LEU A 306 2.45 -11.20 -14.76
N THR A 307 2.84 -9.97 -15.01
CA THR A 307 1.89 -8.86 -15.17
C THR A 307 0.91 -9.11 -16.30
N GLN A 308 1.43 -9.55 -17.44
CA GLN A 308 0.59 -9.83 -18.58
C GLN A 308 -0.33 -11.04 -18.30
N GLN A 309 0.16 -12.06 -17.60
CA GLN A 309 -0.67 -13.25 -17.30
C GLN A 309 -1.82 -12.85 -16.35
N ASN A 310 -1.45 -12.09 -15.33
CA ASN A 310 -2.41 -11.71 -14.30
C ASN A 310 -3.46 -10.77 -14.81
N LEU A 311 -3.11 -10.02 -15.83
CA LEU A 311 -4.05 -9.06 -16.41
C LEU A 311 -5.22 -9.78 -17.09
N LYS A 312 -4.92 -10.98 -17.59
CA LYS A 312 -5.94 -11.83 -18.18
C LYS A 312 -6.87 -12.49 -17.16
N THR A 313 -6.30 -12.99 -16.05
CA THR A 313 -7.15 -13.62 -14.98
C THR A 313 -7.84 -12.55 -14.13
N GLY A 314 -7.26 -11.36 -14.07
CA GLY A 314 -7.73 -10.31 -13.15
C GLY A 314 -7.15 -10.43 -11.73
N ASP A 315 -6.39 -11.50 -11.50
CA ASP A 315 -5.89 -11.73 -10.15
C ASP A 315 -4.50 -11.06 -10.07
N ILE A 316 -4.53 -9.74 -9.97
CA ILE A 316 -3.30 -8.96 -10.05
C ILE A 316 -2.32 -9.12 -8.88
N ALA A 317 -2.76 -9.68 -7.77
CA ALA A 317 -1.83 -9.99 -6.70
C ALA A 317 -1.08 -11.32 -6.85
N TYR A 318 -1.45 -12.16 -7.82
CA TYR A 318 -0.84 -13.48 -7.83
C TYR A 318 0.68 -13.39 -8.11
N GLU A 319 1.49 -14.03 -7.23
CA GLU A 319 2.95 -14.14 -7.45
C GLU A 319 3.56 -15.44 -6.93
N GLY A 320 2.69 -16.39 -6.58
CA GLY A 320 3.10 -17.70 -6.12
C GLY A 320 3.41 -17.87 -4.67
N ILE A 321 2.80 -16.96 -3.89
CA ILE A 321 2.90 -17.06 -2.43
C ILE A 321 1.99 -18.19 -1.97
N PRO A 322 2.52 -19.06 -1.09
CA PRO A 322 1.68 -20.10 -0.48
C PRO A 322 0.39 -19.52 0.12
N GLY A 323 -0.72 -20.10 -0.26
CA GLY A 323 -2.03 -19.55 0.14
C GLY A 323 -2.74 -18.93 -1.06
N GLN A 324 -1.99 -18.49 -2.09
CA GLN A 324 -2.67 -17.87 -3.22
C GLN A 324 -3.28 -18.96 -4.08
N THR A 325 -4.11 -18.55 -5.04
CA THR A 325 -4.76 -19.50 -5.96
C THR A 325 -3.68 -20.01 -6.90
N GLN A 326 -3.65 -21.35 -7.04
CA GLN A 326 -2.56 -22.20 -7.62
C GLN A 326 -2.80 -22.48 -9.09
#